data_3M0G
#
_entry.id   3M0G
#
_cell.length_a   49.230
_cell.length_b   90.680
_cell.length_c   133.000
_cell.angle_alpha   90.000
_cell.angle_beta   90.000
_cell.angle_gamma   90.000
#
_symmetry.space_group_name_H-M   'P 21 21 21'
#
loop_
_entity.id
_entity.type
_entity.pdbx_description
1 polymer 'Farnesyl diphosphate synthase'
2 water water
#
_entity_poly.entity_id   1
_entity_poly.type   'polypeptide(L)'
_entity_poly.pdbx_seq_one_letter_code
;(MSE)SLSERLKEVQDAVETA(MSE)AAAIGRLPAGDLRDA(MSE)AYAAQGGKRLRAFLAIESAAIHGIS(MSE)AQA
(MSE)PAALAVEALHAYSLVHDD(MSE)PC(MSE)DNDDLRRGLPTVHKKWDDATAVLAGDALQTLAFELCTDPVLGSAE
NRVALVAALAQASGAEG(MSE)VYGQALDIAAETAAVPLTLDEIIRLQAGKTGALISFAAQAGAILAGADRGPLTAYATA
LGLAFQIADDILDVEGNEEAAGKRLGKDAEAHKATFVSLLGLAGAKSRAADLVAEAEAALAPYGEAASTLRACARYVIER
DKEGHHHHHH
;
_entity_poly.pdbx_strand_id   A,B
#
# COMPACT_ATOMS: atom_id res chain seq x y z
N SER A 2 0.14 33.09 14.82
CA SER A 2 1.17 32.91 13.76
C SER A 2 1.31 31.44 13.33
N LEU A 3 1.48 30.54 14.31
CA LEU A 3 1.40 29.10 14.03
C LEU A 3 -0.02 28.78 13.54
N SER A 4 -1.01 29.44 14.14
CA SER A 4 -2.41 29.30 13.74
C SER A 4 -2.66 29.63 12.27
N GLU A 5 -2.04 30.69 11.77
CA GLU A 5 -2.17 31.08 10.36
C GLU A 5 -1.26 30.23 9.48
N ARG A 6 -0.17 29.73 10.06
CA ARG A 6 0.77 28.91 9.31
C ARG A 6 0.16 27.55 9.03
N LEU A 7 -0.57 27.04 10.02
CA LEU A 7 -1.30 25.77 9.89
C LEU A 7 -2.49 25.86 8.92
N LYS A 8 -3.25 26.95 9.01
CA LYS A 8 -4.40 27.15 8.11
C LYS A 8 -3.97 27.32 6.64
N GLU A 9 -2.84 28.00 6.40
CA GLU A 9 -2.26 28.12 5.04
C GLU A 9 -1.73 26.77 4.52
N VAL A 10 -1.27 25.93 5.45
CA VAL A 10 -0.91 24.55 5.13
C VAL A 10 -2.18 23.71 4.91
N GLN A 11 -3.23 23.94 5.70
CA GLN A 11 -4.49 23.18 5.57
C GLN A 11 -5.20 23.41 4.24
N ASP A 12 -5.21 24.67 3.78
CA ASP A 12 -5.84 25.04 2.52
C ASP A 12 -5.06 24.50 1.33
N ALA A 13 -3.73 24.53 1.45
CA ALA A 13 -2.82 24.09 0.39
C ALA A 13 -2.78 22.55 0.21
N VAL A 14 -2.81 21.84 1.32
CA VAL A 14 -3.03 20.41 1.30
C VAL A 14 -4.43 20.04 0.74
N GLU A 15 -5.47 20.72 1.21
CA GLU A 15 -6.84 20.47 0.74
C GLU A 15 -6.99 20.55 -0.79
N THR A 16 -6.38 21.58 -1.40
CA THR A 16 -6.45 21.74 -2.85
C THR A 16 -5.61 20.67 -3.56
N ALA A 17 -4.39 20.47 -3.08
CA ALA A 17 -3.47 19.48 -3.67
C ALA A 17 -3.98 18.06 -3.56
N MSE A 18 -4.60 17.72 -2.43
CA MSE A 18 -5.23 16.41 -2.28
C MSE A 18 -6.40 16.24 -3.24
O MSE A 18 -6.53 15.20 -3.89
CB MSE A 18 -5.68 16.16 -0.84
CG MSE A 18 -6.23 14.76 -0.63
SE MSE A 18 -4.82 13.41 -0.79
CE MSE A 18 -4.21 13.50 1.04
N ALA A 19 -7.24 17.28 -3.35
CA ALA A 19 -8.40 17.22 -4.25
C ALA A 19 -7.96 16.94 -5.68
N ALA A 20 -6.93 17.66 -6.14
CA ALA A 20 -6.42 17.50 -7.51
C ALA A 20 -5.79 16.13 -7.77
N ALA A 21 -5.02 15.63 -6.80
CA ALA A 21 -4.40 14.33 -6.88
C ALA A 21 -5.45 13.23 -7.05
N ILE A 22 -6.51 13.27 -6.22
CA ILE A 22 -7.55 12.24 -6.28
C ILE A 22 -8.43 12.44 -7.53
N GLY A 23 -8.61 13.69 -7.92
CA GLY A 23 -9.39 14.05 -9.09
C GLY A 23 -8.90 13.49 -10.41
N ARG A 24 -7.61 13.18 -10.50
CA ARG A 24 -7.07 12.63 -11.74
C ARG A 24 -7.34 11.12 -11.91
N LEU A 25 -7.91 10.49 -10.89
CA LEU A 25 -8.29 9.06 -10.95
C LEU A 25 -9.62 8.91 -11.70
N PRO A 26 -9.90 7.69 -12.22
CA PRO A 26 -11.19 7.41 -12.83
C PRO A 26 -12.36 7.65 -11.88
N ALA A 27 -13.50 8.01 -12.44
CA ALA A 27 -14.68 8.31 -11.66
C ALA A 27 -15.30 7.05 -11.06
N GLY A 28 -16.16 7.26 -10.08
CA GLY A 28 -16.93 6.18 -9.49
C GLY A 28 -17.03 6.33 -7.99
N ASP A 29 -17.65 5.35 -7.36
CA ASP A 29 -17.78 5.32 -5.91
C ASP A 29 -16.45 5.28 -5.22
N LEU A 30 -15.49 4.61 -5.83
CA LEU A 30 -14.22 4.42 -5.19
C LEU A 30 -13.50 5.75 -5.04
N ARG A 31 -13.54 6.58 -6.08
CA ARG A 31 -12.84 7.84 -6.08
C ARG A 31 -13.61 8.82 -5.19
N ASP A 32 -14.93 8.61 -5.16
CA ASP A 32 -15.81 9.40 -4.32
C ASP A 32 -15.45 9.18 -2.86
N ALA A 33 -15.29 7.90 -2.49
CA ALA A 33 -14.93 7.51 -1.13
C ALA A 33 -13.56 8.00 -0.73
N MSE A 34 -12.59 7.88 -1.62
CA MSE A 34 -11.23 8.38 -1.36
C MSE A 34 -11.19 9.87 -1.07
O MSE A 34 -10.61 10.29 -0.07
CB MSE A 34 -10.30 8.02 -2.52
CG MSE A 34 -10.23 6.51 -2.74
SE MSE A 34 -9.19 6.03 -4.35
CE MSE A 34 -7.49 6.77 -3.83
N ALA A 35 -11.82 10.67 -1.94
CA ALA A 35 -11.88 12.12 -1.80
C ALA A 35 -12.46 12.51 -0.46
N TYR A 36 -13.57 11.87 -0.09
CA TYR A 36 -14.29 12.14 1.16
C TYR A 36 -13.41 11.82 2.38
N ALA A 37 -12.70 10.69 2.31
CA ALA A 37 -11.87 10.19 3.42
C ALA A 37 -10.63 11.08 3.66
N ALA A 38 -10.05 11.57 2.57
CA ALA A 38 -8.84 12.40 2.62
C ALA A 38 -9.12 13.89 2.79
N GLN A 39 -10.41 14.26 2.70
CA GLN A 39 -10.90 15.63 2.88
C GLN A 39 -10.91 16.05 4.36
N GLY A 40 -10.48 17.28 4.61
CA GLY A 40 -10.45 17.87 5.94
C GLY A 40 -9.42 17.27 6.88
N GLY A 41 -9.66 17.45 8.17
CA GLY A 41 -8.68 17.11 9.21
C GLY A 41 -7.79 18.30 9.51
N LYS A 42 -7.08 18.23 10.64
CA LYS A 42 -6.21 19.33 11.08
C LYS A 42 -4.88 19.38 10.32
N ARG A 43 -4.55 18.27 9.64
CA ARG A 43 -3.31 18.09 8.87
C ARG A 43 -2.02 18.15 9.67
N LEU A 44 -2.00 17.67 10.91
CA LEU A 44 -0.76 17.75 11.71
C LEU A 44 0.45 17.14 10.97
N ARG A 45 0.24 15.94 10.42
CA ARG A 45 1.28 15.19 9.73
C ARG A 45 1.78 15.86 8.44
N ALA A 46 0.86 16.36 7.64
CA ALA A 46 1.19 17.21 6.50
C ALA A 46 1.98 18.43 6.98
N PHE A 47 1.54 19.03 8.08
CA PHE A 47 2.21 20.23 8.61
C PHE A 47 3.66 19.90 9.01
N LEU A 48 3.84 18.77 9.70
CA LEU A 48 5.17 18.25 10.07
C LEU A 48 6.10 18.01 8.89
N ALA A 49 5.57 17.44 7.81
CA ALA A 49 6.39 17.17 6.66
C ALA A 49 6.82 18.50 6.07
N ILE A 50 5.88 19.44 5.94
CA ILE A 50 6.14 20.73 5.28
C ILE A 50 7.13 21.58 6.09
N GLU A 51 7.00 21.50 7.41
CA GLU A 51 7.81 22.33 8.30
C GLU A 51 9.19 21.73 8.54
N SER A 52 9.30 20.41 8.47
CA SER A 52 10.60 19.74 8.54
C SER A 52 11.43 20.00 7.28
N ALA A 53 10.75 20.15 6.14
CA ALA A 53 11.45 20.48 4.90
C ALA A 53 11.96 21.92 4.95
N ALA A 54 11.12 22.80 5.52
CA ALA A 54 11.44 24.23 5.63
C ALA A 54 12.66 24.45 6.52
N ILE A 55 12.82 23.58 7.53
CA ILE A 55 13.93 23.68 8.45
C ILE A 55 15.22 23.34 7.71
N HIS A 56 15.11 22.54 6.64
CA HIS A 56 16.26 22.18 5.84
C HIS A 56 16.35 23.00 4.55
N GLY A 57 15.51 24.03 4.46
CA GLY A 57 15.57 24.99 3.34
C GLY A 57 14.84 24.50 2.11
N ILE A 58 13.89 23.59 2.32
CA ILE A 58 13.11 22.99 1.22
C ILE A 58 11.70 23.60 1.14
N SER A 59 11.34 24.06 -0.05
CA SER A 59 10.06 24.73 -0.29
C SER A 59 8.84 23.81 -0.09
N MSE A 60 7.70 24.41 0.27
CA MSE A 60 6.45 23.66 0.41
C MSE A 60 6.13 22.83 -0.81
O MSE A 60 5.76 21.66 -0.68
CB MSE A 60 5.28 24.58 0.72
CG MSE A 60 3.99 23.82 1.00
SE MSE A 60 2.54 24.90 1.71
CE MSE A 60 2.14 25.93 0.11
N ALA A 61 6.29 23.43 -2.00
CA ALA A 61 5.97 22.75 -3.27
C ALA A 61 6.84 21.51 -3.50
N GLN A 62 8.12 21.61 -3.13
CA GLN A 62 9.01 20.46 -3.22
C GLN A 62 8.70 19.38 -2.18
N ALA A 63 8.09 19.77 -1.07
CA ALA A 63 7.74 18.82 -0.02
C ALA A 63 6.29 18.33 -0.09
N MSE A 64 5.47 19.01 -0.90
CA MSE A 64 4.05 18.70 -0.94
C MSE A 64 3.73 17.22 -1.19
O MSE A 64 2.86 16.68 -0.52
CB MSE A 64 3.26 19.61 -1.90
CG MSE A 64 1.72 19.33 -1.90
SE MSE A 64 0.85 19.71 -0.17
CE MSE A 64 1.09 21.65 -0.22
N PRO A 65 4.42 16.56 -2.14
CA PRO A 65 4.03 15.14 -2.32
C PRO A 65 4.20 14.26 -1.08
N ALA A 66 5.17 14.58 -0.23
CA ALA A 66 5.38 13.82 1.01
C ALA A 66 4.31 14.17 2.05
N ALA A 67 3.94 15.46 2.13
CA ALA A 67 2.85 15.95 2.98
C ALA A 67 1.54 15.26 2.58
N LEU A 68 1.26 15.24 1.27
CA LEU A 68 0.16 14.47 0.70
C LEU A 68 0.25 12.95 1.01
N ALA A 69 1.42 12.33 0.85
CA ALA A 69 1.55 10.88 1.09
C ALA A 69 1.23 10.45 2.52
N VAL A 70 1.75 11.19 3.50
CA VAL A 70 1.50 10.84 4.91
C VAL A 70 0.00 11.08 5.25
N GLU A 71 -0.59 12.14 4.70
CA GLU A 71 -2.03 12.40 4.85
C GLU A 71 -2.88 11.31 4.18
N ALA A 72 -2.44 10.81 3.02
CA ALA A 72 -3.10 9.72 2.30
C ALA A 72 -3.03 8.42 3.10
N LEU A 73 -1.83 8.11 3.60
CA LEU A 73 -1.57 6.97 4.46
C LEU A 73 -2.42 7.04 5.75
N HIS A 74 -2.43 8.20 6.41
CA HIS A 74 -3.26 8.42 7.61
C HIS A 74 -4.76 8.23 7.36
N ALA A 75 -5.24 8.77 6.24
CA ALA A 75 -6.67 8.64 5.89
C ALA A 75 -7.07 7.20 5.62
N TYR A 76 -6.21 6.44 4.96
CA TYR A 76 -6.47 5.03 4.73
C TYR A 76 -6.57 4.27 6.06
N SER A 77 -5.72 4.65 7.02
CA SER A 77 -5.67 3.90 8.26
C SER A 77 -6.98 4.09 9.00
N LEU A 78 -7.50 5.32 8.92
CA LEU A 78 -8.82 5.68 9.48
C LEU A 78 -9.98 4.89 8.87
N VAL A 79 -10.05 4.89 7.55
CA VAL A 79 -11.10 4.20 6.82
C VAL A 79 -11.18 2.74 7.27
N HIS A 80 -10.03 2.06 7.34
CA HIS A 80 -10.01 0.67 7.81
C HIS A 80 -10.33 0.53 9.31
N ASP A 81 -9.71 1.34 10.13
CA ASP A 81 -9.87 1.25 11.58
C ASP A 81 -11.29 1.57 12.04
N ASP A 82 -11.98 2.40 11.27
CA ASP A 82 -13.37 2.77 11.53
C ASP A 82 -14.34 1.58 11.32
N MSE A 83 -13.90 0.57 10.59
CA MSE A 83 -14.77 -0.56 10.19
C MSE A 83 -15.34 -1.40 11.35
O MSE A 83 -14.78 -1.43 12.45
CB MSE A 83 -14.09 -1.46 9.15
CG MSE A 83 -13.86 -0.79 7.78
SE MSE A 83 -12.96 -1.97 6.50
CE MSE A 83 -11.48 -2.60 7.56
N PRO A 84 -16.49 -2.06 11.10
CA PRO A 84 -17.18 -2.86 12.12
C PRO A 84 -16.34 -3.92 12.84
N CYS A 85 -15.41 -4.56 12.13
CA CYS A 85 -14.52 -5.56 12.76
C CYS A 85 -13.39 -4.93 13.58
N MSE A 86 -13.26 -3.61 13.50
CA MSE A 86 -12.19 -2.89 14.19
C MSE A 86 -12.79 -1.95 15.24
O MSE A 86 -13.39 -2.41 16.20
CB MSE A 86 -11.32 -2.15 13.17
CG MSE A 86 -10.70 -3.05 12.07
SE MSE A 86 -8.78 -3.45 12.30
CE MSE A 86 -8.18 -1.73 12.90
N ASP A 87 -12.64 -0.64 15.07
CA ASP A 87 -13.12 0.33 16.07
C ASP A 87 -14.64 0.55 16.00
N ASN A 88 -15.25 0.22 14.86
CA ASN A 88 -16.71 0.28 14.69
C ASN A 88 -17.28 1.66 15.04
N ASP A 89 -16.80 2.68 14.34
CA ASP A 89 -17.29 4.05 14.51
C ASP A 89 -18.26 4.41 13.37
N ASP A 90 -19.39 5.00 13.74
CA ASP A 90 -20.43 5.43 12.80
C ASP A 90 -20.18 6.84 12.25
N LEU A 91 -19.50 7.67 13.05
CA LEU A 91 -19.24 9.06 12.71
C LEU A 91 -17.77 9.41 12.86
N ARG A 92 -17.30 10.32 12.02
CA ARG A 92 -15.99 10.93 12.13
C ARG A 92 -16.10 12.38 11.66
N ARG A 93 -15.54 13.28 12.48
CA ARG A 93 -15.61 14.73 12.28
C ARG A 93 -17.04 15.17 11.90
N GLY A 94 -18.00 14.81 12.76
CA GLY A 94 -19.42 15.16 12.57
C GLY A 94 -20.17 14.50 11.41
N LEU A 95 -19.49 13.63 10.66
CA LEU A 95 -20.06 13.04 9.43
C LEU A 95 -19.95 11.52 9.40
N PRO A 96 -20.89 10.82 8.71
CA PRO A 96 -20.82 9.37 8.64
C PRO A 96 -19.47 8.89 8.10
N THR A 97 -18.91 7.88 8.73
CA THR A 97 -17.67 7.24 8.24
C THR A 97 -17.89 6.58 6.85
N VAL A 98 -16.80 6.27 6.15
CA VAL A 98 -16.87 5.69 4.78
C VAL A 98 -17.73 4.43 4.61
N HIS A 99 -17.63 3.47 5.53
CA HIS A 99 -18.38 2.21 5.43
C HIS A 99 -19.87 2.44 5.71
N LYS A 100 -20.18 3.52 6.42
CA LYS A 100 -21.58 3.92 6.60
C LYS A 100 -22.13 4.59 5.35
N LYS A 101 -21.44 5.62 4.88
CA LYS A 101 -21.90 6.41 3.73
C LYS A 101 -21.92 5.61 2.41
N TRP A 102 -20.92 4.76 2.20
CA TRP A 102 -20.92 3.79 1.09
C TRP A 102 -21.27 2.39 1.61
N ASP A 103 -20.29 1.48 1.68
CA ASP A 103 -20.47 0.19 2.36
C ASP A 103 -19.12 -0.35 2.86
N ASP A 104 -19.16 -1.52 3.52
CA ASP A 104 -17.94 -2.10 4.10
C ASP A 104 -16.94 -2.42 3.02
N ALA A 105 -17.44 -2.90 1.88
CA ALA A 105 -16.57 -3.26 0.77
C ALA A 105 -15.83 -2.02 0.22
N THR A 106 -16.57 -0.91 0.04
CA THR A 106 -16.01 0.35 -0.49
C THR A 106 -14.98 0.92 0.48
N ALA A 107 -15.19 0.74 1.78
CA ALA A 107 -14.20 1.15 2.80
C ALA A 107 -12.90 0.36 2.69
N VAL A 108 -13.01 -0.96 2.54
CA VAL A 108 -11.85 -1.82 2.32
C VAL A 108 -11.07 -1.29 1.13
N LEU A 109 -11.73 -1.18 -0.01
CA LEU A 109 -11.08 -0.76 -1.25
C LEU A 109 -10.57 0.70 -1.29
N ALA A 110 -11.31 1.64 -0.72
CA ALA A 110 -10.83 3.03 -0.64
C ALA A 110 -9.57 3.14 0.22
N GLY A 111 -9.53 2.39 1.33
CA GLY A 111 -8.39 2.45 2.21
C GLY A 111 -7.21 1.83 1.48
N ASP A 112 -7.49 0.71 0.83
CA ASP A 112 -6.50 0.00 0.02
C ASP A 112 -5.91 0.96 -1.03
N ALA A 113 -6.75 1.63 -1.81
CA ALA A 113 -6.23 2.55 -2.83
C ALA A 113 -5.58 3.82 -2.28
N LEU A 114 -5.97 4.24 -1.08
CA LEU A 114 -5.34 5.39 -0.44
C LEU A 114 -3.91 5.09 -0.02
N GLN A 115 -3.66 3.86 0.42
CA GLN A 115 -2.30 3.42 0.70
C GLN A 115 -1.43 3.39 -0.56
N THR A 116 -1.99 2.87 -1.66
CA THR A 116 -1.25 2.85 -2.91
C THR A 116 -0.92 4.26 -3.38
N LEU A 117 -1.88 5.17 -3.23
CA LEU A 117 -1.67 6.57 -3.58
C LEU A 117 -0.54 7.22 -2.75
N ALA A 118 -0.42 6.84 -1.48
CA ALA A 118 0.63 7.41 -0.66
C ALA A 118 2.00 7.04 -1.23
N PHE A 119 2.13 5.79 -1.67
CA PHE A 119 3.39 5.28 -2.26
C PHE A 119 3.68 5.91 -3.64
N GLU A 120 2.66 6.06 -4.47
CA GLU A 120 2.79 6.86 -5.71
C GLU A 120 3.29 8.29 -5.47
N LEU A 121 2.69 8.98 -4.49
CA LEU A 121 3.09 10.34 -4.14
C LEU A 121 4.59 10.46 -3.91
N CYS A 122 5.16 9.45 -3.23
CA CYS A 122 6.61 9.36 -2.91
C CYS A 122 7.57 9.25 -4.11
N THR A 123 7.04 8.92 -5.30
CA THR A 123 7.83 8.88 -6.53
C THR A 123 7.86 10.19 -7.34
N ASP A 124 7.05 11.19 -6.95
CA ASP A 124 6.97 12.47 -7.65
C ASP A 124 8.34 13.13 -7.82
N PRO A 125 8.74 13.43 -9.07
CA PRO A 125 10.05 14.04 -9.38
C PRO A 125 10.30 15.36 -8.64
N VAL A 126 9.24 16.07 -8.28
CA VAL A 126 9.43 17.36 -7.62
C VAL A 126 10.16 17.23 -6.26
N LEU A 127 10.09 16.04 -5.67
CA LEU A 127 10.64 15.79 -4.33
C LEU A 127 12.16 15.87 -4.37
N GLY A 128 12.73 15.62 -5.54
CA GLY A 128 14.17 15.67 -5.71
C GLY A 128 14.74 14.40 -6.30
N SER A 129 15.96 14.08 -5.91
CA SER A 129 16.71 12.97 -6.48
C SER A 129 16.01 11.64 -6.23
N ALA A 130 16.28 10.68 -7.10
CA ALA A 130 15.78 9.32 -6.96
C ALA A 130 16.24 8.68 -5.65
N GLU A 131 17.51 8.90 -5.25
CA GLU A 131 18.03 8.34 -4.01
C GLU A 131 17.22 8.80 -2.82
N ASN A 132 16.87 10.09 -2.81
CA ASN A 132 16.02 10.63 -1.74
C ASN A 132 14.55 10.16 -1.78
N ARG A 133 14.02 9.93 -2.98
CA ARG A 133 12.67 9.40 -3.12
C ARG A 133 12.56 7.95 -2.63
N VAL A 134 13.56 7.12 -2.98
CA VAL A 134 13.60 5.71 -2.53
C VAL A 134 13.77 5.59 -1.00
N ALA A 135 14.56 6.51 -0.44
CA ALA A 135 14.71 6.67 1.00
C ALA A 135 13.38 7.09 1.62
N LEU A 136 12.66 8.00 0.96
CA LEU A 136 11.30 8.40 1.40
C LEU A 136 10.32 7.21 1.42
N VAL A 137 10.39 6.40 0.37
CA VAL A 137 9.58 5.19 0.24
C VAL A 137 9.86 4.19 1.34
N ALA A 138 11.12 3.83 1.56
CA ALA A 138 11.48 2.88 2.63
C ALA A 138 11.01 3.35 3.98
N ALA A 139 11.24 4.63 4.30
CA ALA A 139 10.84 5.23 5.55
C ALA A 139 9.32 5.20 5.72
N LEU A 140 8.58 5.44 4.64
CA LEU A 140 7.13 5.35 4.69
C LEU A 140 6.66 3.91 4.99
N ALA A 141 7.23 2.92 4.30
CA ALA A 141 6.88 1.49 4.53
C ALA A 141 7.32 0.97 5.89
N GLN A 142 8.48 1.42 6.37
CA GLN A 142 8.93 1.03 7.71
C GLN A 142 7.96 1.53 8.76
N ALA A 143 7.50 2.76 8.58
CA ALA A 143 6.58 3.44 9.47
C ALA A 143 5.14 2.91 9.43
N SER A 144 4.67 2.49 8.24
CA SER A 144 3.25 2.14 8.01
C SER A 144 2.86 0.65 8.18
N GLY A 145 3.82 -0.27 7.98
CA GLY A 145 3.53 -1.72 7.96
C GLY A 145 3.70 -2.54 9.25
N ALA A 146 3.98 -3.84 9.05
CA ALA A 146 4.11 -4.82 10.15
C ALA A 146 5.27 -4.59 11.12
N GLU A 147 6.06 -3.55 10.88
CA GLU A 147 7.08 -3.12 11.82
C GLU A 147 6.64 -1.86 12.52
N GLY A 148 5.49 -1.34 12.11
CA GLY A 148 5.10 0.00 12.50
C GLY A 148 3.64 0.19 12.83
N MSE A 149 2.95 0.98 12.01
CA MSE A 149 1.56 1.34 12.27
C MSE A 149 0.61 0.15 12.34
O MSE A 149 -0.20 0.07 13.25
CB MSE A 149 1.07 2.31 11.21
CG MSE A 149 -0.32 2.85 11.46
SE MSE A 149 -0.95 3.90 9.97
CE MSE A 149 -1.44 2.50 8.72
N VAL A 150 0.69 -0.75 11.35
CA VAL A 150 -0.17 -1.92 11.32
C VAL A 150 0.17 -2.84 12.51
N TYR A 151 1.47 -3.00 12.79
CA TYR A 151 1.93 -3.75 13.96
C TYR A 151 1.28 -3.24 15.25
N GLY A 152 1.36 -1.93 15.47
CA GLY A 152 0.70 -1.26 16.59
C GLY A 152 -0.82 -1.37 16.62
N GLN A 153 -1.46 -1.33 15.45
CA GLN A 153 -2.91 -1.53 15.42
C GLN A 153 -3.30 -2.98 15.79
N ALA A 154 -2.47 -3.95 15.40
CA ALA A 154 -2.72 -5.36 15.69
C ALA A 154 -2.52 -5.67 17.17
N LEU A 155 -1.55 -5.00 17.77
CA LEU A 155 -1.31 -5.12 19.21
C LEU A 155 -2.47 -4.50 19.99
N ASP A 156 -2.98 -3.37 19.49
CA ASP A 156 -4.13 -2.70 20.09
C ASP A 156 -5.37 -3.57 20.15
N ILE A 157 -5.71 -4.23 19.04
CA ILE A 157 -6.86 -5.13 18.97
C ILE A 157 -6.75 -6.30 19.98
N ALA A 158 -5.53 -6.82 20.15
CA ALA A 158 -5.30 -7.90 21.11
C ALA A 158 -5.45 -7.43 22.57
N ALA A 159 -5.02 -6.20 22.84
CA ALA A 159 -5.07 -5.61 24.19
C ALA A 159 -6.45 -5.67 24.84
N GLU A 160 -7.47 -5.24 24.11
CA GLU A 160 -8.84 -5.13 24.66
C GLU A 160 -9.56 -6.48 24.86
N THR A 161 -8.85 -7.57 24.60
CA THR A 161 -9.39 -8.91 24.86
C THR A 161 -8.42 -9.77 25.68
N ALA A 162 -7.32 -9.15 26.13
CA ALA A 162 -6.26 -9.81 26.88
C ALA A 162 -6.63 -10.05 28.33
N ALA A 163 -5.94 -10.99 28.95
CA ALA A 163 -6.27 -11.48 30.29
C ALA A 163 -6.40 -10.37 31.34
N VAL A 164 -5.42 -9.48 31.39
CA VAL A 164 -5.44 -8.30 32.28
C VAL A 164 -4.88 -7.07 31.54
N PRO A 165 -5.23 -5.85 32.02
CA PRO A 165 -4.69 -4.61 31.44
C PRO A 165 -3.19 -4.65 31.14
N LEU A 166 -2.79 -3.93 30.09
CA LEU A 166 -1.37 -3.73 29.76
C LEU A 166 -0.69 -2.83 30.80
N THR A 167 0.64 -2.86 30.83
CA THR A 167 1.41 -1.99 31.71
C THR A 167 1.93 -0.75 30.99
N LEU A 168 2.54 0.15 31.74
CA LEU A 168 3.16 1.37 31.22
C LEU A 168 4.02 1.12 30.00
N ASP A 169 5.07 0.29 30.15
CA ASP A 169 5.98 -0.02 29.03
C ASP A 169 5.21 -0.49 27.81
N GLU A 170 4.23 -1.36 28.03
CA GLU A 170 3.52 -2.04 26.96
C GLU A 170 2.72 -1.07 26.10
N ILE A 171 1.93 -0.20 26.74
CA ILE A 171 1.15 0.80 26.02
C ILE A 171 2.05 1.85 25.33
N ILE A 172 3.27 2.03 25.83
CA ILE A 172 4.26 2.90 25.19
C ILE A 172 4.77 2.31 23.86
N ARG A 173 5.17 1.03 23.88
CA ARG A 173 5.60 0.33 22.66
C ARG A 173 4.45 0.27 21.66
N LEU A 174 3.26 -0.03 22.16
CA LEU A 174 2.02 -0.08 21.39
C LEU A 174 1.73 1.22 20.63
N GLN A 175 1.81 2.34 21.32
CA GLN A 175 1.52 3.63 20.71
C GLN A 175 2.66 4.13 19.82
N ALA A 176 3.90 3.76 20.17
CA ALA A 176 5.08 4.03 19.32
C ALA A 176 4.91 3.51 17.90
N GLY A 177 4.24 2.36 17.76
CA GLY A 177 3.93 1.81 16.46
C GLY A 177 2.71 2.46 15.86
N LYS A 178 1.59 2.33 16.56
CA LYS A 178 0.25 2.70 16.06
C LYS A 178 0.11 4.19 15.75
N THR A 179 0.76 5.03 16.56
CA THR A 179 0.63 6.49 16.45
C THR A 179 1.98 7.13 16.11
N GLY A 180 3.01 6.71 16.85
CA GLY A 180 4.33 7.32 16.78
C GLY A 180 5.04 7.15 15.45
N ALA A 181 4.96 5.97 14.85
CA ALA A 181 5.69 5.70 13.61
C ALA A 181 5.32 6.66 12.47
N LEU A 182 4.02 6.90 12.26
CA LEU A 182 3.62 7.78 11.15
C LEU A 182 3.99 9.25 11.39
N ILE A 183 3.97 9.69 12.64
CA ILE A 183 4.36 11.04 12.99
C ILE A 183 5.87 11.22 12.79
N SER A 184 6.63 10.16 13.10
CA SER A 184 8.09 10.16 12.94
C SER A 184 8.47 10.21 11.46
N PHE A 185 7.71 9.51 10.62
CA PHE A 185 7.92 9.64 9.18
C PHE A 185 7.74 11.09 8.73
N ALA A 186 6.67 11.73 9.20
CA ALA A 186 6.32 13.08 8.76
C ALA A 186 7.40 14.06 9.23
N ALA A 187 7.89 13.84 10.44
CA ALA A 187 8.86 14.72 11.02
C ALA A 187 10.24 14.53 10.37
N GLN A 188 10.50 13.32 9.88
CA GLN A 188 11.78 12.97 9.27
C GLN A 188 11.84 13.32 7.79
N ALA A 189 10.68 13.45 7.14
CA ALA A 189 10.59 13.70 5.70
C ALA A 189 11.47 14.85 5.27
N GLY A 190 11.46 15.94 6.05
CA GLY A 190 12.32 17.09 5.71
C GLY A 190 13.78 16.73 5.65
N ALA A 191 14.26 15.98 6.65
CA ALA A 191 15.66 15.52 6.66
C ALA A 191 15.96 14.54 5.53
N ILE A 192 14.97 13.69 5.23
CA ILE A 192 15.09 12.69 4.18
C ILE A 192 15.28 13.38 2.86
N LEU A 193 14.45 14.39 2.60
CA LEU A 193 14.47 15.12 1.34
C LEU A 193 15.69 16.02 1.16
N ALA A 194 16.35 16.37 2.26
CA ALA A 194 17.58 17.15 2.17
C ALA A 194 18.81 16.26 2.22
N GLY A 195 18.60 14.96 2.43
CA GLY A 195 19.70 14.03 2.63
C GLY A 195 20.57 14.41 3.83
N ALA A 196 19.90 14.78 4.93
CA ALA A 196 20.59 15.19 6.16
C ALA A 196 20.31 14.26 7.35
N ASP A 197 21.08 14.46 8.42
CA ASP A 197 20.93 13.76 9.69
C ASP A 197 19.47 13.76 10.18
N ARG A 198 18.85 12.58 10.29
CA ARG A 198 17.46 12.45 10.73
C ARG A 198 17.33 12.43 12.24
N GLY A 199 18.47 12.42 12.93
CA GLY A 199 18.53 12.16 14.37
C GLY A 199 17.61 13.02 15.21
N PRO A 200 17.84 14.34 15.21
CA PRO A 200 17.04 15.27 16.02
C PRO A 200 15.54 15.23 15.72
N LEU A 201 15.17 15.11 14.45
CA LEU A 201 13.74 15.08 14.08
C LEU A 201 13.06 13.80 14.56
N THR A 202 13.77 12.68 14.47
CA THR A 202 13.33 11.37 15.02
C THR A 202 13.07 11.44 16.52
N ALA A 203 13.99 12.06 17.26
CA ALA A 203 13.86 12.17 18.70
C ALA A 203 12.76 13.17 19.03
N TYR A 204 12.58 14.18 18.17
CA TYR A 204 11.48 15.15 18.30
C TYR A 204 10.15 14.44 18.20
N ALA A 205 10.03 13.57 17.20
CA ALA A 205 8.79 12.86 16.91
C ALA A 205 8.45 11.83 17.98
N THR A 206 9.48 11.18 18.53
CA THR A 206 9.31 10.16 19.58
C THR A 206 8.53 10.77 20.75
N ALA A 207 9.08 11.86 21.28
CA ALA A 207 8.46 12.61 22.36
C ALA A 207 7.10 13.17 21.98
N LEU A 208 7.01 13.83 20.83
CA LEU A 208 5.76 14.46 20.38
C LEU A 208 4.62 13.45 20.17
N GLY A 209 4.93 12.32 19.55
CA GLY A 209 3.96 11.23 19.36
C GLY A 209 3.36 10.71 20.67
N LEU A 210 4.20 10.51 21.68
CA LEU A 210 3.71 10.09 22.98
C LEU A 210 2.78 11.15 23.60
N ALA A 211 3.20 12.40 23.56
CA ALA A 211 2.40 13.50 24.13
C ALA A 211 1.09 13.68 23.38
N PHE A 212 1.12 13.44 22.07
CA PHE A 212 -0.06 13.50 21.22
C PHE A 212 -1.08 12.52 21.77
N GLN A 213 -0.65 11.26 21.93
CA GLN A 213 -1.51 10.19 22.41
C GLN A 213 -2.03 10.45 23.82
N ILE A 214 -1.16 10.98 24.68
CA ILE A 214 -1.49 11.30 26.08
C ILE A 214 -2.52 12.43 26.19
N ALA A 215 -2.37 13.48 25.38
CA ALA A 215 -3.34 14.56 25.33
C ALA A 215 -4.65 14.07 24.69
N ASP A 216 -4.52 13.10 23.78
CA ASP A 216 -5.62 12.54 23.04
C ASP A 216 -6.35 11.48 23.88
N ASP A 217 -5.87 11.27 25.10
CA ASP A 217 -6.51 10.38 26.06
C ASP A 217 -7.47 11.16 26.94
N ILE A 218 -7.16 12.44 27.16
CA ILE A 218 -8.05 13.34 27.88
C ILE A 218 -9.37 13.51 27.10
N LEU A 219 -10.29 12.57 27.34
CA LEU A 219 -11.64 12.60 26.80
C LEU A 219 -12.61 13.09 27.88
N ALA A 241 -6.32 -0.41 29.53
CA ALA A 241 -6.75 0.98 29.46
C ALA A 241 -5.62 1.96 29.07
N THR A 242 -5.76 3.20 29.52
CA THR A 242 -5.00 4.36 29.00
C THR A 242 -3.88 4.88 29.92
N PHE A 243 -3.25 5.98 29.51
CA PHE A 243 -2.22 6.65 30.32
C PHE A 243 -2.81 7.29 31.57
N VAL A 244 -4.04 7.76 31.47
CA VAL A 244 -4.75 8.40 32.58
C VAL A 244 -5.16 7.38 33.64
N SER A 245 -5.35 6.13 33.23
CA SER A 245 -5.67 5.05 34.16
C SER A 245 -4.48 4.65 35.04
N LEU A 246 -3.28 4.74 34.49
CA LEU A 246 -2.06 4.28 35.17
C LEU A 246 -1.21 5.42 35.75
N LEU A 247 -1.48 6.65 35.33
CA LEU A 247 -0.72 7.82 35.80
C LEU A 247 -1.58 8.88 36.48
N GLY A 248 -2.89 8.82 36.25
CA GLY A 248 -3.84 9.72 36.89
C GLY A 248 -4.32 10.86 36.01
N LEU A 249 -5.21 11.69 36.55
CA LEU A 249 -5.72 12.87 35.85
C LEU A 249 -4.63 13.92 35.63
N ALA A 250 -3.87 14.20 36.68
CA ALA A 250 -2.85 15.26 36.66
C ALA A 250 -1.47 14.72 36.29
N GLY A 251 -1.21 13.48 36.67
CA GLY A 251 0.06 12.81 36.36
C GLY A 251 0.24 12.53 34.88
N ALA A 252 -0.84 12.63 34.12
CA ALA A 252 -0.80 12.48 32.67
C ALA A 252 -0.58 13.83 31.99
N LYS A 253 -1.03 14.89 32.66
CA LYS A 253 -0.86 16.26 32.16
C LYS A 253 0.60 16.65 32.24
N SER A 254 1.17 16.53 33.43
CA SER A 254 2.57 16.85 33.69
C SER A 254 3.50 16.05 32.76
N ARG A 255 3.17 14.78 32.55
CA ARG A 255 3.94 13.89 31.67
C ARG A 255 3.96 14.37 30.22
N ALA A 256 2.79 14.79 29.73
CA ALA A 256 2.64 15.28 28.37
C ALA A 256 3.35 16.62 28.20
N ALA A 257 3.22 17.48 29.21
CA ALA A 257 3.99 18.72 29.29
C ALA A 257 5.49 18.44 29.29
N ASP A 258 5.91 17.37 29.97
CA ASP A 258 7.34 17.03 30.03
C ASP A 258 7.84 16.64 28.66
N LEU A 259 7.05 15.80 27.98
CA LEU A 259 7.39 15.26 26.68
C LEU A 259 7.42 16.32 25.58
N VAL A 260 6.54 17.32 25.68
CA VAL A 260 6.58 18.49 24.80
C VAL A 260 7.92 19.19 24.99
N ALA A 261 8.34 19.35 26.24
CA ALA A 261 9.62 19.98 26.54
C ALA A 261 10.77 19.20 25.91
N GLU A 262 10.68 17.86 25.97
CA GLU A 262 11.70 16.98 25.38
C GLU A 262 11.71 17.07 23.87
N ALA A 263 10.52 17.24 23.29
CA ALA A 263 10.35 17.36 21.85
C ALA A 263 11.07 18.60 21.37
N GLU A 264 10.85 19.70 22.06
CA GLU A 264 11.50 20.99 21.75
C GLU A 264 13.03 20.91 21.86
N ALA A 265 13.53 20.34 22.94
CA ALA A 265 14.97 20.16 23.16
C ALA A 265 15.66 19.26 22.14
N ALA A 266 14.95 18.26 21.62
CA ALA A 266 15.51 17.41 20.58
C ALA A 266 15.96 18.27 19.39
N LEU A 267 15.24 19.35 19.13
CA LEU A 267 15.59 20.23 18.00
C LEU A 267 16.58 21.36 18.33
N ALA A 268 17.27 21.27 19.46
CA ALA A 268 18.28 22.28 19.84
C ALA A 268 19.40 22.49 18.79
N PRO A 269 19.85 21.42 18.09
CA PRO A 269 20.89 21.66 17.08
C PRO A 269 20.49 22.62 15.96
N TYR A 270 19.18 22.85 15.77
CA TYR A 270 18.73 23.77 14.71
C TYR A 270 18.70 25.22 15.18
N GLY A 271 18.80 25.40 16.49
CA GLY A 271 18.68 26.70 17.12
C GLY A 271 17.26 27.19 16.97
N GLU A 272 17.13 28.51 16.83
CA GLU A 272 15.83 29.19 16.78
C GLU A 272 15.04 28.95 15.50
N ALA A 273 15.69 28.45 14.45
CA ALA A 273 14.97 28.00 13.24
C ALA A 273 13.98 26.89 13.57
N ALA A 274 14.15 26.27 14.75
CA ALA A 274 13.24 25.24 15.21
C ALA A 274 11.89 25.80 15.73
N SER A 275 11.70 27.11 15.67
CA SER A 275 10.57 27.75 16.37
C SER A 275 9.15 27.32 15.94
N THR A 276 8.97 26.92 14.68
CA THR A 276 7.65 26.52 14.17
C THR A 276 7.26 25.09 14.61
N LEU A 277 8.19 24.14 14.46
CA LEU A 277 8.05 22.80 15.00
C LEU A 277 7.89 22.81 16.52
N ARG A 278 8.68 23.64 17.21
CA ARG A 278 8.55 23.76 18.66
C ARG A 278 7.15 24.27 19.04
N ALA A 279 6.65 25.24 18.30
CA ALA A 279 5.28 25.75 18.53
C ALA A 279 4.26 24.68 18.17
N CYS A 280 4.52 23.92 17.10
CA CYS A 280 3.62 22.84 16.75
C CYS A 280 3.49 21.83 17.91
N ALA A 281 4.61 21.48 18.54
CA ALA A 281 4.60 20.57 19.69
C ALA A 281 3.82 21.12 20.89
N ARG A 282 4.00 22.40 21.21
CA ARG A 282 3.28 23.05 22.31
C ARG A 282 1.78 23.11 22.06
N TYR A 283 1.40 23.13 20.79
CA TYR A 283 0.00 23.29 20.39
C TYR A 283 -0.79 21.98 20.48
N VAL A 284 -0.13 20.85 20.27
CA VAL A 284 -0.81 19.55 20.34
C VAL A 284 -1.38 19.28 21.74
N ILE A 285 -0.81 19.92 22.75
CA ILE A 285 -1.32 19.85 24.13
C ILE A 285 -2.19 21.06 24.50
N GLU A 286 -2.57 21.84 23.49
CA GLU A 286 -3.41 23.04 23.61
C GLU A 286 -2.58 24.30 23.85
N SER B 2 12.30 -25.62 -21.00
CA SER B 2 11.24 -26.29 -20.19
C SER B 2 10.50 -25.25 -19.36
N LEU B 3 9.27 -24.92 -19.77
CA LEU B 3 8.44 -24.00 -18.98
C LEU B 3 8.08 -24.56 -17.62
N SER B 4 7.77 -25.85 -17.56
CA SER B 4 7.33 -26.50 -16.33
C SER B 4 8.42 -26.52 -15.27
N GLU B 5 9.62 -26.91 -15.68
CA GLU B 5 10.78 -26.95 -14.80
C GLU B 5 11.11 -25.53 -14.34
N ARG B 6 11.12 -24.59 -15.28
CA ARG B 6 11.39 -23.19 -14.98
C ARG B 6 10.34 -22.62 -14.01
N LEU B 7 9.09 -23.00 -14.21
CA LEU B 7 7.99 -22.59 -13.35
C LEU B 7 8.19 -23.14 -11.95
N LYS B 8 8.64 -24.40 -11.87
CA LYS B 8 8.89 -25.09 -10.62
C LYS B 8 10.08 -24.48 -9.87
N GLU B 9 11.14 -24.13 -10.61
CA GLU B 9 12.32 -23.47 -10.04
C GLU B 9 11.97 -22.11 -9.41
N VAL B 10 11.13 -21.34 -10.11
CA VAL B 10 10.66 -20.05 -9.62
C VAL B 10 9.77 -20.20 -8.37
N GLN B 11 8.82 -21.13 -8.40
CA GLN B 11 7.98 -21.40 -7.23
C GLN B 11 8.79 -21.68 -5.96
N ASP B 12 9.76 -22.60 -6.07
CA ASP B 12 10.61 -23.03 -4.96
C ASP B 12 11.48 -21.90 -4.42
N ALA B 13 12.01 -21.09 -5.34
CA ALA B 13 12.88 -19.99 -4.96
C ALA B 13 12.05 -18.91 -4.28
N VAL B 14 10.88 -18.63 -4.83
CA VAL B 14 10.00 -17.61 -4.25
C VAL B 14 9.45 -18.01 -2.89
N GLU B 15 9.02 -19.26 -2.74
CA GLU B 15 8.53 -19.75 -1.44
C GLU B 15 9.54 -19.57 -0.31
N THR B 16 10.82 -19.87 -0.58
CA THR B 16 11.88 -19.78 0.39
C THR B 16 12.16 -18.31 0.73
N ALA B 17 12.31 -17.50 -0.32
CA ALA B 17 12.62 -16.10 -0.18
C ALA B 17 11.51 -15.35 0.56
N MSE B 18 10.26 -15.61 0.19
CA MSE B 18 9.10 -14.97 0.82
C MSE B 18 9.02 -15.28 2.32
O MSE B 18 8.84 -14.36 3.12
CB MSE B 18 7.80 -15.34 0.14
CG MSE B 18 6.59 -14.62 0.75
SE MSE B 18 6.58 -12.78 0.24
CE MSE B 18 5.82 -12.98 -1.56
N ALA B 19 9.13 -16.56 2.66
CA ALA B 19 9.21 -17.00 4.05
C ALA B 19 10.21 -16.15 4.83
N ALA B 20 11.44 -16.10 4.34
CA ALA B 20 12.50 -15.30 4.96
C ALA B 20 12.14 -13.81 5.12
N ALA B 21 11.60 -13.21 4.06
CA ALA B 21 11.25 -11.78 4.04
C ALA B 21 10.28 -11.43 5.15
N ILE B 22 9.25 -12.26 5.29
CA ILE B 22 8.21 -12.07 6.31
C ILE B 22 8.73 -12.45 7.70
N GLY B 23 9.67 -13.38 7.73
CA GLY B 23 10.26 -13.89 8.97
C GLY B 23 10.92 -12.84 9.84
N ARG B 24 11.49 -11.80 9.23
CA ARG B 24 12.19 -10.78 10.01
C ARG B 24 11.26 -9.73 10.64
N LEU B 25 9.99 -9.75 10.25
CA LEU B 25 8.97 -8.93 10.90
C LEU B 25 8.72 -9.41 12.35
N PRO B 26 8.24 -8.52 13.23
CA PRO B 26 8.02 -9.01 14.61
C PRO B 26 6.98 -10.15 14.68
N ALA B 27 7.15 -11.03 15.65
CA ALA B 27 6.26 -12.19 15.87
C ALA B 27 4.83 -11.76 16.18
N GLY B 28 3.88 -12.64 15.91
CA GLY B 28 2.47 -12.40 16.25
C GLY B 28 1.49 -12.91 15.23
N ASP B 29 0.20 -12.78 15.53
CA ASP B 29 -0.88 -13.21 14.65
C ASP B 29 -0.81 -12.51 13.28
N LEU B 30 -0.43 -11.23 13.30
CA LEU B 30 -0.29 -10.46 12.08
C LEU B 30 0.78 -11.04 11.16
N ARG B 31 1.95 -11.40 11.71
CA ARG B 31 2.99 -12.04 10.90
C ARG B 31 2.63 -13.44 10.38
N ASP B 32 2.03 -14.26 11.25
CA ASP B 32 1.54 -15.60 10.86
C ASP B 32 0.49 -15.53 9.73
N ALA B 33 -0.44 -14.59 9.86
CA ALA B 33 -1.46 -14.36 8.85
C ALA B 33 -0.85 -13.98 7.51
N MSE B 34 0.11 -13.05 7.55
CA MSE B 34 0.81 -12.61 6.33
C MSE B 34 1.56 -13.79 5.71
O MSE B 34 1.46 -14.05 4.51
CB MSE B 34 1.81 -11.49 6.65
CG MSE B 34 1.19 -10.25 7.25
SE MSE B 34 2.52 -8.94 7.83
CE MSE B 34 3.25 -8.48 6.07
N ALA B 35 2.32 -14.50 6.55
CA ALA B 35 3.11 -15.66 6.11
C ALA B 35 2.18 -16.69 5.44
N TYR B 36 1.04 -16.93 6.06
CA TYR B 36 0.03 -17.89 5.56
C TYR B 36 -0.52 -17.44 4.20
N ALA B 37 -0.80 -16.15 4.07
CA ALA B 37 -1.41 -15.58 2.84
C ALA B 37 -0.44 -15.60 1.68
N ALA B 38 0.84 -15.45 1.97
CA ALA B 38 1.87 -15.40 0.95
C ALA B 38 2.47 -16.76 0.59
N GLN B 39 2.00 -17.84 1.25
CA GLN B 39 2.47 -19.20 1.00
C GLN B 39 1.80 -19.78 -0.25
N GLY B 40 2.57 -20.49 -1.05
CA GLY B 40 2.02 -21.26 -2.18
C GLY B 40 1.57 -20.42 -3.36
N GLY B 41 0.79 -21.04 -4.24
CA GLY B 41 0.35 -20.39 -5.49
C GLY B 41 1.28 -20.77 -6.64
N LYS B 42 0.76 -20.63 -7.86
CA LYS B 42 1.50 -21.02 -9.07
C LYS B 42 2.63 -20.02 -9.39
N ARG B 43 2.56 -18.83 -8.80
CA ARG B 43 3.62 -17.82 -8.88
C ARG B 43 3.77 -17.21 -10.29
N LEU B 44 2.67 -17.08 -11.05
CA LEU B 44 2.72 -16.54 -12.43
C LEU B 44 3.43 -15.18 -12.50
N ARG B 45 3.07 -14.28 -11.60
CA ARG B 45 3.55 -12.91 -11.63
C ARG B 45 5.05 -12.85 -11.30
N ALA B 46 5.43 -13.54 -10.22
CA ALA B 46 6.83 -13.67 -9.84
C ALA B 46 7.61 -14.26 -11.01
N PHE B 47 6.98 -15.18 -11.74
CA PHE B 47 7.63 -15.81 -12.87
C PHE B 47 7.87 -14.80 -13.99
N LEU B 48 6.85 -14.00 -14.32
CA LEU B 48 6.94 -12.95 -15.32
C LEU B 48 7.97 -11.85 -15.04
N ALA B 49 8.16 -11.55 -13.76
CA ALA B 49 9.14 -10.57 -13.33
C ALA B 49 10.53 -11.12 -13.57
N ILE B 50 10.74 -12.34 -13.07
CA ILE B 50 12.05 -13.00 -13.20
C ILE B 50 12.41 -13.30 -14.65
N GLU B 51 11.40 -13.66 -15.43
CA GLU B 51 11.61 -14.04 -16.80
C GLU B 51 11.88 -12.83 -17.68
N SER B 52 11.21 -11.72 -17.36
CA SER B 52 11.40 -10.51 -18.14
C SER B 52 12.72 -9.84 -17.75
N ALA B 53 13.19 -10.08 -16.53
CA ALA B 53 14.51 -9.61 -16.12
C ALA B 53 15.57 -10.39 -16.86
N ALA B 54 15.39 -11.70 -16.92
CA ALA B 54 16.31 -12.58 -17.64
C ALA B 54 16.55 -12.17 -19.10
N ILE B 55 15.49 -11.78 -19.80
CA ILE B 55 15.59 -11.32 -21.20
C ILE B 55 16.50 -10.12 -21.34
N HIS B 56 16.59 -9.34 -20.26
CA HIS B 56 17.48 -8.17 -20.21
C HIS B 56 18.79 -8.48 -19.52
N GLY B 57 19.10 -9.78 -19.44
CA GLY B 57 20.37 -10.26 -18.89
C GLY B 57 20.55 -10.11 -17.40
N ILE B 58 19.44 -9.89 -16.69
CA ILE B 58 19.45 -9.65 -15.24
C ILE B 58 19.17 -10.96 -14.50
N SER B 59 19.99 -11.25 -13.47
CA SER B 59 19.88 -12.49 -12.69
C SER B 59 18.58 -12.60 -11.89
N MSE B 60 18.23 -13.83 -11.51
CA MSE B 60 17.08 -14.05 -10.63
C MSE B 60 17.30 -13.41 -9.25
O MSE B 60 16.39 -12.79 -8.70
CB MSE B 60 16.79 -15.54 -10.50
CG MSE B 60 15.63 -15.84 -9.56
SE MSE B 60 14.97 -17.67 -9.76
CE MSE B 60 16.43 -18.65 -8.92
N ALA B 61 18.50 -13.58 -8.71
CA ALA B 61 18.89 -12.95 -7.44
C ALA B 61 18.73 -11.42 -7.44
N GLN B 62 19.17 -10.77 -8.52
CA GLN B 62 18.92 -9.33 -8.66
C GLN B 62 17.43 -9.02 -8.85
N ALA B 63 16.71 -9.89 -9.55
CA ALA B 63 15.26 -9.68 -9.81
C ALA B 63 14.33 -10.06 -8.67
N MSE B 64 14.83 -10.84 -7.72
CA MSE B 64 13.97 -11.46 -6.70
C MSE B 64 13.09 -10.50 -5.86
O MSE B 64 11.88 -10.78 -5.66
CB MSE B 64 14.77 -12.39 -5.78
CG MSE B 64 13.92 -13.04 -4.71
SE MSE B 64 12.63 -14.27 -5.51
CE MSE B 64 13.90 -15.54 -6.20
N PRO B 65 13.68 -9.39 -5.36
CA PRO B 65 12.83 -8.46 -4.60
C PRO B 65 11.63 -7.95 -5.40
N ALA B 66 11.78 -7.83 -6.72
CA ALA B 66 10.66 -7.40 -7.56
C ALA B 66 9.60 -8.52 -7.67
N ALA B 67 10.08 -9.75 -7.80
CA ALA B 67 9.22 -10.93 -7.83
C ALA B 67 8.48 -11.06 -6.53
N LEU B 68 9.19 -10.83 -5.42
CA LEU B 68 8.60 -10.87 -4.10
C LEU B 68 7.54 -9.80 -3.93
N ALA B 69 7.84 -8.59 -4.39
CA ALA B 69 6.91 -7.47 -4.25
C ALA B 69 5.58 -7.75 -4.95
N VAL B 70 5.63 -8.27 -6.18
CA VAL B 70 4.40 -8.55 -6.91
C VAL B 70 3.60 -9.69 -6.32
N GLU B 71 4.30 -10.71 -5.78
CA GLU B 71 3.61 -11.79 -5.08
C GLU B 71 2.98 -11.30 -3.77
N ALA B 72 3.72 -10.44 -3.06
CA ALA B 72 3.18 -9.78 -1.87
C ALA B 72 1.93 -8.96 -2.19
N LEU B 73 1.98 -8.18 -3.27
CA LEU B 73 0.85 -7.33 -3.64
C LEU B 73 -0.34 -8.24 -4.02
N HIS B 74 -0.07 -9.31 -4.76
CA HIS B 74 -1.14 -10.23 -5.17
C HIS B 74 -1.76 -10.87 -3.94
N ALA B 75 -0.91 -11.26 -2.99
CA ALA B 75 -1.37 -11.98 -1.79
C ALA B 75 -2.33 -11.13 -1.00
N TYR B 76 -1.98 -9.85 -0.82
CA TYR B 76 -2.81 -8.95 -0.05
C TYR B 76 -4.21 -8.78 -0.72
N SER B 77 -4.22 -8.71 -2.05
CA SER B 77 -5.44 -8.48 -2.79
C SER B 77 -6.43 -9.63 -2.55
N LEU B 78 -5.93 -10.85 -2.59
CA LEU B 78 -6.70 -12.04 -2.25
C LEU B 78 -7.16 -12.05 -0.78
N VAL B 79 -6.28 -11.65 0.14
CA VAL B 79 -6.64 -11.67 1.56
C VAL B 79 -7.94 -10.86 1.76
N HIS B 80 -7.97 -9.66 1.16
CA HIS B 80 -9.16 -8.82 1.26
C HIS B 80 -10.34 -9.31 0.42
N ASP B 81 -10.07 -9.82 -0.78
CA ASP B 81 -11.14 -10.20 -1.71
C ASP B 81 -11.97 -11.35 -1.19
N ASP B 82 -11.33 -12.24 -0.43
CA ASP B 82 -11.99 -13.37 0.21
C ASP B 82 -12.91 -12.96 1.35
N MSE B 83 -12.77 -11.73 1.86
CA MSE B 83 -13.58 -11.31 3.01
C MSE B 83 -15.08 -11.31 2.71
O MSE B 83 -15.48 -11.10 1.56
CB MSE B 83 -13.13 -9.94 3.56
CG MSE B 83 -11.76 -9.93 4.20
SE MSE B 83 -11.26 -8.14 4.83
CE MSE B 83 -11.80 -7.13 3.28
N PRO B 84 -15.92 -11.53 3.76
CA PRO B 84 -17.38 -11.67 3.64
C PRO B 84 -18.05 -10.55 2.85
N CYS B 85 -17.65 -9.31 3.09
CA CYS B 85 -18.26 -8.16 2.40
C CYS B 85 -17.80 -8.06 0.95
N MSE B 86 -16.81 -8.87 0.58
CA MSE B 86 -16.30 -8.89 -0.77
C MSE B 86 -16.79 -10.18 -1.43
O MSE B 86 -18.00 -10.36 -1.64
CB MSE B 86 -14.77 -8.79 -0.77
CG MSE B 86 -14.22 -7.47 -0.16
SE MSE B 86 -14.01 -6.09 -1.54
CE MSE B 86 -12.66 -6.96 -2.51
N ASP B 87 -15.87 -11.09 -1.74
CA ASP B 87 -16.22 -12.36 -2.39
C ASP B 87 -16.70 -13.44 -1.44
N ASN B 88 -16.39 -13.29 -0.14
CA ASN B 88 -16.93 -14.17 0.90
C ASN B 88 -16.56 -15.66 0.66
N ASP B 89 -15.26 -15.91 0.53
CA ASP B 89 -14.74 -17.27 0.29
C ASP B 89 -14.22 -17.89 1.60
N ASP B 90 -14.70 -19.09 1.92
CA ASP B 90 -14.26 -19.79 3.13
C ASP B 90 -12.93 -20.48 2.85
N LEU B 91 -12.74 -20.84 1.58
CA LEU B 91 -11.59 -21.63 1.14
C LEU B 91 -10.77 -20.95 0.07
N ARG B 92 -9.45 -21.12 0.15
CA ARG B 92 -8.56 -20.74 -0.94
C ARG B 92 -7.64 -21.92 -1.19
N ARG B 93 -7.69 -22.43 -2.43
CA ARG B 93 -7.01 -23.68 -2.81
C ARG B 93 -7.23 -24.79 -1.77
N GLY B 94 -8.48 -24.93 -1.33
CA GLY B 94 -8.89 -26.00 -0.41
C GLY B 94 -8.49 -25.85 1.05
N LEU B 95 -7.93 -24.71 1.42
CA LEU B 95 -7.55 -24.43 2.81
C LEU B 95 -8.31 -23.20 3.31
N PRO B 96 -8.57 -23.12 4.64
CA PRO B 96 -9.31 -21.96 5.19
C PRO B 96 -8.66 -20.64 4.80
N THR B 97 -9.48 -19.61 4.61
CA THR B 97 -8.94 -18.30 4.23
C THR B 97 -8.41 -17.60 5.47
N VAL B 98 -7.76 -16.46 5.27
CA VAL B 98 -7.17 -15.74 6.40
C VAL B 98 -8.25 -15.30 7.38
N HIS B 99 -9.32 -14.72 6.84
CA HIS B 99 -10.40 -14.20 7.66
C HIS B 99 -11.14 -15.34 8.41
N LYS B 100 -11.15 -16.55 7.84
CA LYS B 100 -11.69 -17.72 8.53
C LYS B 100 -10.74 -18.30 9.59
N LYS B 101 -9.45 -18.35 9.29
CA LYS B 101 -8.45 -18.91 10.23
C LYS B 101 -8.11 -17.97 11.39
N TRP B 102 -8.17 -16.66 11.15
CA TRP B 102 -8.04 -15.71 12.26
C TRP B 102 -9.39 -15.01 12.52
N ASP B 103 -9.54 -13.80 12.01
CA ASP B 103 -10.85 -13.15 11.96
C ASP B 103 -10.82 -12.04 10.89
N ASP B 104 -11.93 -11.33 10.72
CA ASP B 104 -12.01 -10.26 9.72
C ASP B 104 -10.99 -9.12 9.97
N ALA B 105 -10.85 -8.73 11.24
CA ALA B 105 -9.88 -7.69 11.63
C ALA B 105 -8.46 -8.05 11.19
N THR B 106 -8.07 -9.29 11.48
CA THR B 106 -6.75 -9.81 11.07
C THR B 106 -6.55 -9.87 9.56
N ALA B 107 -7.59 -10.24 8.80
CA ALA B 107 -7.50 -10.17 7.33
C ALA B 107 -7.33 -8.74 6.77
N VAL B 108 -8.07 -7.77 7.30
CA VAL B 108 -7.84 -6.38 6.92
C VAL B 108 -6.37 -6.02 7.15
N LEU B 109 -5.88 -6.32 8.35
CA LEU B 109 -4.56 -5.88 8.77
C LEU B 109 -3.45 -6.60 8.03
N ALA B 110 -3.63 -7.89 7.78
CA ALA B 110 -2.58 -8.68 7.11
C ALA B 110 -2.46 -8.26 5.64
N GLY B 111 -3.58 -8.02 5.00
CA GLY B 111 -3.55 -7.45 3.62
C GLY B 111 -2.95 -6.04 3.59
N ASP B 112 -3.26 -5.21 4.58
CA ASP B 112 -2.71 -3.87 4.66
C ASP B 112 -1.17 -3.92 4.73
N ALA B 113 -0.64 -4.84 5.56
CA ALA B 113 0.80 -4.92 5.74
C ALA B 113 1.48 -5.66 4.61
N LEU B 114 0.74 -6.51 3.90
CA LEU B 114 1.30 -7.16 2.75
C LEU B 114 1.47 -6.16 1.61
N GLN B 115 0.57 -5.18 1.51
CA GLN B 115 0.73 -4.13 0.48
C GLN B 115 1.91 -3.22 0.82
N THR B 116 2.08 -2.94 2.11
CA THR B 116 3.21 -2.17 2.61
C THR B 116 4.51 -2.95 2.39
N LEU B 117 4.48 -4.25 2.63
CA LEU B 117 5.64 -5.10 2.37
C LEU B 117 6.08 -5.07 0.90
N ALA B 118 5.12 -5.20 -0.02
CA ALA B 118 5.37 -5.11 -1.46
C ALA B 118 6.18 -3.86 -1.85
N PHE B 119 5.75 -2.70 -1.38
CA PHE B 119 6.47 -1.43 -1.62
C PHE B 119 7.86 -1.35 -0.99
N GLU B 120 8.02 -1.96 0.18
CA GLU B 120 9.28 -1.94 0.91
C GLU B 120 10.30 -2.73 0.10
N LEU B 121 9.85 -3.88 -0.38
CA LEU B 121 10.63 -4.76 -1.23
C LEU B 121 11.19 -4.07 -2.48
N CYS B 122 10.41 -3.19 -3.07
CA CYS B 122 10.84 -2.36 -4.22
C CYS B 122 12.04 -1.45 -3.95
N THR B 123 12.41 -1.30 -2.69
CA THR B 123 13.45 -0.36 -2.28
C THR B 123 14.79 -1.04 -2.05
N ASP B 124 14.77 -2.37 -2.01
CA ASP B 124 15.97 -3.19 -1.83
C ASP B 124 17.03 -2.87 -2.87
N PRO B 125 18.22 -2.40 -2.41
CA PRO B 125 19.29 -1.98 -3.32
C PRO B 125 19.83 -3.10 -4.20
N VAL B 126 19.60 -4.35 -3.78
CA VAL B 126 19.88 -5.54 -4.62
C VAL B 126 19.26 -5.37 -6.01
N LEU B 127 18.12 -4.68 -6.08
CA LEU B 127 17.42 -4.43 -7.34
C LEU B 127 18.20 -3.57 -8.32
N GLY B 128 19.10 -2.72 -7.82
CA GLY B 128 19.86 -1.81 -8.67
C GLY B 128 19.75 -0.33 -8.35
N SER B 129 19.95 0.52 -9.35
CA SER B 129 20.01 1.98 -9.15
C SER B 129 18.76 2.48 -8.45
N ALA B 130 18.90 3.55 -7.67
CA ALA B 130 17.74 4.23 -7.07
C ALA B 130 16.71 4.68 -8.12
N GLU B 131 17.23 5.08 -9.28
CA GLU B 131 16.41 5.54 -10.41
C GLU B 131 15.48 4.44 -10.93
N ASN B 132 16.02 3.25 -11.15
CA ASN B 132 15.20 2.09 -11.56
C ASN B 132 14.24 1.69 -10.43
N ARG B 133 14.70 1.78 -9.18
CA ARG B 133 13.86 1.39 -8.04
C ARG B 133 12.64 2.30 -7.90
N VAL B 134 12.83 3.60 -8.08
CA VAL B 134 11.68 4.50 -8.00
C VAL B 134 10.74 4.28 -9.19
N ALA B 135 11.27 3.95 -10.37
CA ALA B 135 10.42 3.64 -11.52
C ALA B 135 9.65 2.36 -11.22
N LEU B 136 10.27 1.45 -10.46
CA LEU B 136 9.61 0.22 -10.03
C LEU B 136 8.42 0.50 -9.09
N VAL B 137 8.62 1.35 -8.09
CA VAL B 137 7.56 1.80 -7.15
C VAL B 137 6.42 2.50 -7.89
N ALA B 138 6.75 3.43 -8.79
CA ALA B 138 5.73 4.16 -9.54
C ALA B 138 4.88 3.18 -10.36
N ALA B 139 5.54 2.20 -10.98
CA ALA B 139 4.88 1.23 -11.83
C ALA B 139 3.96 0.31 -11.03
N LEU B 140 4.40 -0.08 -9.83
CA LEU B 140 3.62 -0.94 -8.92
C LEU B 140 2.41 -0.19 -8.42
N ALA B 141 2.62 1.08 -8.08
CA ALA B 141 1.53 1.93 -7.60
C ALA B 141 0.47 2.19 -8.67
N GLN B 142 0.90 2.50 -9.88
CA GLN B 142 -0.05 2.67 -10.98
C GLN B 142 -0.93 1.43 -11.17
N ALA B 143 -0.30 0.27 -11.15
CA ALA B 143 -0.98 -0.98 -11.45
C ALA B 143 -1.95 -1.43 -10.34
N SER B 144 -1.66 -1.03 -9.10
CA SER B 144 -2.29 -1.66 -7.94
C SER B 144 -3.40 -0.80 -7.40
N GLY B 145 -3.34 0.50 -7.68
CA GLY B 145 -4.24 1.47 -7.03
C GLY B 145 -5.51 1.67 -7.78
N ALA B 146 -6.12 2.83 -7.51
CA ALA B 146 -7.43 3.25 -8.04
C ALA B 146 -7.51 3.52 -9.54
N GLU B 147 -6.38 3.41 -10.24
CA GLU B 147 -6.35 3.43 -11.72
C GLU B 147 -6.18 2.03 -12.30
N GLY B 148 -5.81 1.08 -11.44
CA GLY B 148 -5.56 -0.29 -11.86
C GLY B 148 -6.30 -1.33 -11.07
N MSE B 149 -5.59 -2.04 -10.18
CA MSE B 149 -6.18 -3.19 -9.46
C MSE B 149 -7.41 -2.91 -8.62
O MSE B 149 -8.40 -3.61 -8.80
CB MSE B 149 -5.16 -3.92 -8.61
CG MSE B 149 -5.59 -5.34 -8.26
SE MSE B 149 -4.33 -6.16 -7.05
CE MSE B 149 -4.55 -4.82 -5.60
N VAL B 150 -7.32 -1.96 -7.69
CA VAL B 150 -8.47 -1.63 -6.79
C VAL B 150 -9.65 -1.10 -7.58
N TYR B 151 -9.35 -0.36 -8.65
CA TYR B 151 -10.43 0.15 -9.52
C TYR B 151 -11.21 -1.02 -10.16
N GLY B 152 -10.53 -2.01 -10.70
CA GLY B 152 -11.25 -3.12 -11.32
C GLY B 152 -11.92 -4.02 -10.31
N GLN B 153 -11.43 -4.03 -9.06
CA GLN B 153 -12.11 -4.80 -7.99
C GLN B 153 -13.41 -4.12 -7.66
N ALA B 154 -13.35 -2.80 -7.59
CA ALA B 154 -14.53 -1.98 -7.32
C ALA B 154 -15.57 -2.10 -8.42
N LEU B 155 -15.12 -2.11 -9.67
CA LEU B 155 -16.03 -2.37 -10.79
C LEU B 155 -16.68 -3.76 -10.69
N ASP B 156 -15.89 -4.74 -10.26
CA ASP B 156 -16.34 -6.13 -10.16
C ASP B 156 -17.27 -6.39 -9.00
N ILE B 157 -17.06 -5.68 -7.87
CA ILE B 157 -17.99 -5.75 -6.73
C ILE B 157 -19.35 -5.14 -7.10
N ALA B 158 -19.31 -4.01 -7.83
CA ALA B 158 -20.52 -3.37 -8.31
C ALA B 158 -21.24 -4.24 -9.36
N ALA B 159 -20.47 -4.91 -10.20
CA ALA B 159 -21.04 -5.80 -11.21
C ALA B 159 -21.85 -6.96 -10.58
N GLU B 160 -21.40 -7.46 -9.43
CA GLU B 160 -21.99 -8.65 -8.77
C GLU B 160 -23.44 -8.47 -8.32
N THR B 161 -23.82 -7.20 -8.14
CA THR B 161 -25.16 -6.81 -7.78
C THR B 161 -25.99 -6.57 -9.03
N ALA B 162 -25.64 -5.51 -9.77
CA ALA B 162 -26.38 -5.00 -10.93
C ALA B 162 -27.29 -5.99 -11.66
N ALA B 163 -28.51 -5.54 -11.94
CA ALA B 163 -29.52 -6.34 -12.63
C ALA B 163 -29.63 -5.96 -14.11
N VAL B 164 -28.51 -5.48 -14.66
CA VAL B 164 -28.33 -5.26 -16.08
C VAL B 164 -26.90 -5.79 -16.33
N PRO B 165 -26.76 -6.91 -17.08
CA PRO B 165 -25.40 -7.49 -17.21
C PRO B 165 -24.42 -6.52 -17.88
N LEU B 166 -23.12 -6.68 -17.64
CA LEU B 166 -22.12 -5.77 -18.22
C LEU B 166 -21.93 -6.06 -19.72
N THR B 167 -21.59 -4.99 -20.45
CA THR B 167 -21.27 -5.10 -21.86
C THR B 167 -19.83 -5.56 -22.02
N LEU B 168 -19.50 -5.93 -23.25
CA LEU B 168 -18.14 -6.37 -23.53
C LEU B 168 -17.15 -5.29 -23.12
N ASP B 169 -17.44 -4.05 -23.53
CA ASP B 169 -16.57 -2.92 -23.24
C ASP B 169 -16.37 -2.73 -21.72
N GLU B 170 -17.46 -2.87 -20.95
CA GLU B 170 -17.37 -2.86 -19.49
C GLU B 170 -16.54 -3.98 -18.86
N ILE B 171 -16.78 -5.24 -19.25
CA ILE B 171 -15.98 -6.34 -18.68
C ILE B 171 -14.50 -6.31 -19.09
N ILE B 172 -14.20 -5.71 -20.24
CA ILE B 172 -12.81 -5.47 -20.69
C ILE B 172 -12.12 -4.43 -19.77
N ARG B 173 -12.81 -3.35 -19.49
CA ARG B 173 -12.32 -2.32 -18.56
C ARG B 173 -12.11 -2.88 -17.15
N LEU B 174 -13.03 -3.72 -16.70
CA LEU B 174 -12.96 -4.36 -15.38
C LEU B 174 -11.73 -5.22 -15.28
N GLN B 175 -11.53 -6.03 -16.32
CA GLN B 175 -10.45 -7.00 -16.38
C GLN B 175 -9.06 -6.41 -16.56
N ALA B 176 -8.96 -5.36 -17.37
CA ALA B 176 -7.73 -4.59 -17.46
C ALA B 176 -7.23 -4.08 -16.08
N GLY B 177 -8.11 -3.50 -15.28
CA GLY B 177 -7.69 -3.14 -13.93
C GLY B 177 -7.51 -4.31 -12.97
N LYS B 178 -8.50 -5.22 -12.94
CA LYS B 178 -8.64 -6.21 -11.87
C LYS B 178 -7.50 -7.20 -11.93
N THR B 179 -7.15 -7.52 -13.16
CA THR B 179 -6.19 -8.57 -13.40
C THR B 179 -5.09 -8.16 -14.32
N GLY B 180 -5.44 -7.33 -15.30
CA GLY B 180 -4.56 -6.97 -16.39
C GLY B 180 -3.38 -6.13 -15.92
N ALA B 181 -3.65 -5.23 -14.99
CA ALA B 181 -2.69 -4.23 -14.54
C ALA B 181 -1.49 -4.87 -13.83
N LEU B 182 -1.76 -5.80 -12.91
CA LEU B 182 -0.70 -6.42 -12.07
C LEU B 182 0.19 -7.33 -12.87
N ILE B 183 -0.40 -8.04 -13.82
CA ILE B 183 0.40 -8.87 -14.74
C ILE B 183 1.34 -8.02 -15.60
N SER B 184 0.84 -6.86 -16.02
CA SER B 184 1.63 -5.91 -16.82
C SER B 184 2.78 -5.33 -15.98
N PHE B 185 2.50 -5.02 -14.71
CA PHE B 185 3.62 -4.66 -13.85
C PHE B 185 4.68 -5.76 -13.87
N ALA B 186 4.32 -7.02 -13.59
CA ALA B 186 5.31 -8.12 -13.54
C ALA B 186 6.12 -8.25 -14.82
N ALA B 187 5.43 -8.11 -15.95
CA ALA B 187 6.05 -8.29 -17.25
C ALA B 187 7.02 -7.17 -17.58
N GLN B 188 6.72 -5.97 -17.11
CA GLN B 188 7.55 -4.81 -17.38
C GLN B 188 8.71 -4.70 -16.40
N ALA B 189 8.64 -5.43 -15.30
CA ALA B 189 9.61 -5.31 -14.21
C ALA B 189 11.05 -5.58 -14.68
N GLY B 190 11.21 -6.54 -15.59
CA GLY B 190 12.54 -6.82 -16.16
C GLY B 190 13.08 -5.66 -16.99
N ALA B 191 12.21 -5.03 -17.77
CA ALA B 191 12.59 -3.84 -18.54
C ALA B 191 12.90 -2.63 -17.63
N ILE B 192 12.09 -2.43 -16.58
CA ILE B 192 12.36 -1.36 -15.58
C ILE B 192 13.75 -1.49 -14.96
N LEU B 193 14.10 -2.70 -14.52
CA LEU B 193 15.37 -2.93 -13.85
C LEU B 193 16.57 -2.84 -14.80
N ALA B 194 16.31 -2.92 -16.11
CA ALA B 194 17.38 -2.82 -17.11
C ALA B 194 17.44 -1.42 -17.73
N GLY B 195 16.52 -0.54 -17.34
CA GLY B 195 16.40 0.79 -17.94
C GLY B 195 16.11 0.78 -19.44
N ALA B 196 15.39 -0.25 -19.90
CA ALA B 196 15.17 -0.47 -21.32
C ALA B 196 13.74 -0.20 -21.75
N ASP B 197 13.50 -0.31 -23.06
CA ASP B 197 12.17 -0.16 -23.65
C ASP B 197 11.17 -1.08 -22.95
N ARG B 198 10.08 -0.47 -22.47
CA ARG B 198 9.01 -1.16 -21.75
C ARG B 198 7.88 -1.55 -22.69
N GLY B 199 7.92 -1.01 -23.91
CA GLY B 199 6.91 -1.21 -24.96
C GLY B 199 6.45 -2.62 -25.30
N PRO B 200 7.39 -3.48 -25.77
CA PRO B 200 7.08 -4.87 -26.09
C PRO B 200 6.53 -5.70 -24.94
N LEU B 201 7.06 -5.54 -23.75
CA LEU B 201 6.56 -6.29 -22.61
C LEU B 201 5.18 -5.77 -22.18
N THR B 202 4.94 -4.46 -22.32
CA THR B 202 3.59 -3.89 -22.07
C THR B 202 2.52 -4.44 -23.03
N ALA B 203 2.89 -4.61 -24.30
CA ALA B 203 1.97 -5.10 -25.33
C ALA B 203 1.67 -6.59 -25.12
N TYR B 204 2.74 -7.35 -24.90
CA TYR B 204 2.70 -8.75 -24.47
C TYR B 204 1.71 -8.95 -23.31
N ALA B 205 1.85 -8.12 -22.30
CA ALA B 205 1.07 -8.23 -21.07
C ALA B 205 -0.41 -7.86 -21.23
N THR B 206 -0.68 -6.83 -22.02
CA THR B 206 -2.05 -6.42 -22.37
C THR B 206 -2.79 -7.60 -23.02
N ALA B 207 -2.13 -8.29 -23.96
CA ALA B 207 -2.73 -9.46 -24.61
C ALA B 207 -2.82 -10.68 -23.69
N LEU B 208 -1.72 -10.98 -23.00
CA LEU B 208 -1.66 -12.04 -21.99
C LEU B 208 -2.71 -11.90 -20.87
N GLY B 209 -2.89 -10.68 -20.38
CA GLY B 209 -3.81 -10.42 -19.29
C GLY B 209 -5.25 -10.73 -19.65
N LEU B 210 -5.64 -10.33 -20.86
CA LEU B 210 -6.99 -10.65 -21.32
C LEU B 210 -7.16 -12.15 -21.65
N ALA B 211 -6.16 -12.78 -22.29
CA ALA B 211 -6.18 -14.24 -22.44
C ALA B 211 -6.32 -14.95 -21.10
N PHE B 212 -5.64 -14.44 -20.08
CA PHE B 212 -5.66 -15.02 -18.72
C PHE B 212 -7.09 -15.09 -18.18
N GLN B 213 -7.78 -13.96 -18.23
CA GLN B 213 -9.13 -13.89 -17.67
C GLN B 213 -10.13 -14.72 -18.48
N ILE B 214 -10.06 -14.60 -19.81
CA ILE B 214 -10.87 -15.46 -20.70
C ILE B 214 -10.69 -16.96 -20.38
N ALA B 215 -9.44 -17.43 -20.26
CA ALA B 215 -9.16 -18.81 -19.86
C ALA B 215 -9.82 -19.22 -18.54
N ASP B 216 -9.63 -18.41 -17.49
CA ASP B 216 -10.34 -18.53 -16.20
C ASP B 216 -11.84 -18.80 -16.36
N ASP B 217 -12.48 -18.01 -17.22
CA ASP B 217 -13.94 -18.09 -17.43
C ASP B 217 -14.36 -19.40 -18.09
N ILE B 218 -13.56 -19.85 -19.06
CA ILE B 218 -13.79 -21.12 -19.77
C ILE B 218 -13.72 -22.31 -18.81
N LEU B 219 -12.71 -22.31 -17.94
CA LEU B 219 -12.59 -23.34 -16.92
C LEU B 219 -13.71 -23.23 -15.90
N ASP B 220 -14.18 -22.00 -15.66
CA ASP B 220 -15.26 -21.72 -14.70
C ASP B 220 -16.59 -22.38 -15.08
N VAL B 221 -16.59 -23.15 -16.18
CA VAL B 221 -17.74 -23.98 -16.59
C VAL B 221 -17.32 -25.30 -17.24
N LYS B 240 -24.81 -12.77 -14.57
CA LYS B 240 -23.57 -11.99 -14.62
C LYS B 240 -22.73 -12.35 -15.83
N ALA B 241 -22.41 -11.33 -16.64
CA ALA B 241 -21.67 -11.51 -17.88
C ALA B 241 -20.21 -11.95 -17.67
N THR B 242 -19.81 -12.94 -18.47
CA THR B 242 -18.44 -13.43 -18.50
C THR B 242 -18.00 -13.41 -19.95
N PHE B 243 -16.75 -13.79 -20.22
CA PHE B 243 -16.31 -13.92 -21.60
C PHE B 243 -17.01 -15.08 -22.35
N VAL B 244 -17.43 -16.10 -21.60
CA VAL B 244 -18.22 -17.19 -22.19
C VAL B 244 -19.65 -16.74 -22.52
N SER B 245 -20.31 -16.08 -21.58
CA SER B 245 -21.65 -15.57 -21.86
C SER B 245 -21.62 -14.51 -22.98
N LEU B 246 -20.61 -13.64 -22.99
CA LEU B 246 -20.53 -12.63 -24.05
C LEU B 246 -20.05 -13.15 -25.41
N LEU B 247 -19.03 -13.98 -25.42
CA LEU B 247 -18.42 -14.41 -26.69
C LEU B 247 -18.88 -15.79 -27.18
N GLY B 248 -19.46 -16.58 -26.30
CA GLY B 248 -19.77 -17.98 -26.61
C GLY B 248 -18.59 -18.79 -26.12
N LEU B 249 -18.78 -20.08 -25.93
CA LEU B 249 -17.68 -20.95 -25.47
C LEU B 249 -16.59 -21.07 -26.53
N ALA B 250 -16.98 -21.46 -27.74
CA ALA B 250 -16.03 -21.54 -28.86
C ALA B 250 -15.48 -20.15 -29.17
N GLY B 251 -16.31 -19.12 -29.02
CA GLY B 251 -15.88 -17.74 -29.24
C GLY B 251 -14.87 -17.26 -28.22
N ALA B 252 -15.03 -17.69 -26.96
CA ALA B 252 -14.07 -17.33 -25.91
C ALA B 252 -12.74 -17.99 -26.16
N LYS B 253 -12.80 -19.27 -26.53
CA LYS B 253 -11.60 -20.08 -26.80
C LYS B 253 -10.81 -19.50 -27.97
N SER B 254 -11.52 -19.10 -29.00
CA SER B 254 -10.89 -18.52 -30.17
C SER B 254 -10.25 -17.17 -29.85
N ARG B 255 -10.93 -16.33 -29.06
CA ARG B 255 -10.39 -15.03 -28.65
C ARG B 255 -9.11 -15.21 -27.82
N ALA B 256 -9.14 -16.14 -26.87
CA ALA B 256 -8.01 -16.42 -26.01
C ALA B 256 -6.78 -16.82 -26.81
N ALA B 257 -6.97 -17.61 -27.85
CA ALA B 257 -5.84 -18.09 -28.66
C ALA B 257 -5.31 -16.97 -29.56
N ASP B 258 -6.20 -16.13 -30.11
CA ASP B 258 -5.78 -14.97 -30.89
C ASP B 258 -4.98 -13.94 -30.05
N LEU B 259 -5.35 -13.77 -28.78
CA LEU B 259 -4.63 -12.83 -27.89
C LEU B 259 -3.26 -13.36 -27.50
N VAL B 260 -3.15 -14.67 -27.32
CA VAL B 260 -1.86 -15.33 -27.08
C VAL B 260 -0.91 -15.17 -28.27
N ALA B 261 -1.47 -15.20 -29.48
CA ALA B 261 -0.66 -14.96 -30.69
C ALA B 261 -0.26 -13.49 -30.76
N GLU B 262 -1.13 -12.60 -30.28
CA GLU B 262 -0.81 -11.17 -30.25
C GLU B 262 0.31 -10.91 -29.24
N ALA B 263 0.25 -11.63 -28.11
CA ALA B 263 1.24 -11.51 -27.04
C ALA B 263 2.60 -12.02 -27.50
N GLU B 264 2.60 -13.13 -28.24
CA GLU B 264 3.84 -13.72 -28.79
C GLU B 264 4.48 -12.80 -29.83
N ALA B 265 3.64 -12.14 -30.62
CA ALA B 265 4.10 -11.24 -31.68
C ALA B 265 4.72 -9.97 -31.06
N ALA B 266 4.15 -9.51 -29.94
CA ALA B 266 4.70 -8.35 -29.22
C ALA B 266 6.18 -8.52 -28.84
N LEU B 267 6.65 -9.77 -28.77
CA LEU B 267 8.01 -10.05 -28.28
C LEU B 267 9.03 -10.34 -29.39
N ALA B 268 8.58 -10.20 -30.64
CA ALA B 268 9.46 -10.29 -31.82
C ALA B 268 10.79 -9.52 -31.72
N PRO B 269 10.80 -8.31 -31.10
CA PRO B 269 12.09 -7.61 -30.92
C PRO B 269 13.18 -8.47 -30.27
N TYR B 270 12.80 -9.26 -29.25
CA TYR B 270 13.72 -10.08 -28.47
C TYR B 270 14.22 -11.36 -29.15
N GLY B 271 13.68 -11.68 -30.32
CA GLY B 271 14.13 -12.85 -31.08
C GLY B 271 13.87 -14.18 -30.38
N GLU B 272 14.90 -15.02 -30.32
CA GLU B 272 14.76 -16.35 -29.70
C GLU B 272 14.74 -16.32 -28.15
N ALA B 273 15.20 -15.22 -27.58
CA ALA B 273 15.18 -15.07 -26.11
C ALA B 273 13.76 -14.94 -25.53
N ALA B 274 12.78 -14.63 -26.38
CA ALA B 274 11.39 -14.50 -25.93
C ALA B 274 10.64 -15.85 -25.79
N SER B 275 11.30 -16.94 -26.13
CA SER B 275 10.63 -18.26 -26.21
C SER B 275 10.04 -18.75 -24.89
N THR B 276 10.70 -18.48 -23.76
CA THR B 276 10.14 -18.86 -22.47
C THR B 276 8.88 -18.03 -22.15
N LEU B 277 8.89 -16.73 -22.45
CA LEU B 277 7.68 -15.92 -22.30
C LEU B 277 6.56 -16.26 -23.29
N ARG B 278 6.92 -16.62 -24.51
CA ARG B 278 5.95 -17.10 -25.49
C ARG B 278 5.27 -18.38 -24.99
N ALA B 279 6.04 -19.29 -24.40
CA ALA B 279 5.49 -20.54 -23.85
C ALA B 279 4.55 -20.29 -22.67
N CYS B 280 4.90 -19.30 -21.83
CA CYS B 280 4.07 -18.94 -20.70
C CYS B 280 2.69 -18.45 -21.14
N ALA B 281 2.65 -17.65 -22.21
CA ALA B 281 1.38 -17.12 -22.73
C ALA B 281 0.49 -18.26 -23.21
N ARG B 282 1.11 -19.25 -23.84
CA ARG B 282 0.41 -20.42 -24.36
C ARG B 282 -0.09 -21.29 -23.19
N TYR B 283 0.75 -21.42 -22.17
CA TYR B 283 0.38 -22.13 -20.94
C TYR B 283 -0.86 -21.51 -20.26
N VAL B 284 -0.95 -20.17 -20.25
CA VAL B 284 -2.10 -19.52 -19.61
C VAL B 284 -3.44 -20.06 -20.14
N ILE B 285 -3.47 -20.41 -21.42
CA ILE B 285 -4.69 -20.88 -22.08
C ILE B 285 -4.72 -22.39 -22.38
N GLU B 286 -3.63 -23.10 -22.08
CA GLU B 286 -3.53 -24.55 -22.34
C GLU B 286 -3.97 -25.40 -21.16
N ARG B 287 -5.16 -25.12 -20.64
CA ARG B 287 -5.71 -25.87 -19.52
C ARG B 287 -7.17 -26.21 -19.80
#